data_1AYV
#
_entry.id   1AYV
#
_cell.length_a   38.310
_cell.length_b   51.270
_cell.length_c   103.870
_cell.angle_alpha   90.00
_cell.angle_beta   90.00
_cell.angle_gamma   90.00
#
_symmetry.space_group_name_H-M   'P 21 21 21'
#
loop_
_entity.id
_entity.type
_entity.pdbx_description
1 polymer 'CATHEPSIN K'
2 non-polymer "N-[2-[1-(N-BENZYLOXYCARBONYLAMINO)-3-METHYLBUTYL]THIAZOL-4-YLCARBONYL]-N'-(BENZYLOXYCARBONYL-L-LEUCINYL)HYDRAZIDE"
3 water water
#
_entity_poly.entity_id   1
_entity_poly.type   'polypeptide(L)'
_entity_poly.pdbx_seq_one_letter_code
;APDSVDYRKKGYVTPVKNQGQCGSCWAFSSVGALEGQLKKKTGKLLNLSPQNLVDCVSENDGCGGGYMTNAFQYVQKNRG
IDSEDAYPYVGQEESCMYNPTGKAAKCRGYREIPEGNEKALKRAVARVGPVSVAIDASLTSFQFYSKGVYYDESCNSDNL
NHAVLAVGYGIQKGNKHWIIKNSWGENWGNKGYILMARNKNNACGIANLASFPKM
;
_entity_poly.pdbx_strand_id   A
#
loop_
_chem_comp.id
_chem_comp.type
_chem_comp.name
_chem_comp.formula
IN6 non-polymer N-[2-[1-(N-BENZYLOXYCARBONYLAMINO)-3-METHYLBUTYL]THIAZOL-4-YLCARBONYL]-N'-(BENZYLOXYCARBONYL-L-LEUCINYL)HYDRAZIDE 'C31 H39 N5 O6 S'
#
# COMPACT_ATOMS: atom_id res chain seq x y z
N ALA A 1 -6.85 20.25 -6.29
CA ALA A 1 -7.19 18.79 -6.33
C ALA A 1 -8.60 18.63 -5.76
N PRO A 2 -9.31 17.56 -6.16
CA PRO A 2 -10.66 17.33 -5.66
C PRO A 2 -10.60 17.34 -4.14
N ASP A 3 -11.71 17.69 -3.50
CA ASP A 3 -11.70 17.65 -2.06
C ASP A 3 -12.00 16.24 -1.62
N SER A 4 -12.30 15.38 -2.59
CA SER A 4 -12.64 13.99 -2.36
C SER A 4 -12.39 13.12 -3.57
N VAL A 5 -11.80 11.94 -3.35
CA VAL A 5 -11.58 11.01 -4.45
C VAL A 5 -11.50 9.60 -3.93
N ASP A 6 -12.07 8.68 -4.69
CA ASP A 6 -12.10 7.28 -4.33
C ASP A 6 -11.67 6.43 -5.52
N TYR A 7 -10.43 5.95 -5.48
CA TYR A 7 -9.91 5.12 -6.56
C TYR A 7 -10.61 3.77 -6.68
N ARG A 8 -11.23 3.32 -5.60
CA ARG A 8 -11.98 2.06 -5.63
C ARG A 8 -13.13 2.23 -6.62
N LYS A 9 -13.75 3.41 -6.60
CA LYS A 9 -14.85 3.71 -7.52
C LYS A 9 -14.33 3.92 -8.96
N LYS A 10 -13.02 4.11 -9.10
CA LYS A 10 -12.40 4.30 -10.40
C LYS A 10 -11.94 2.96 -10.99
N GLY A 11 -11.99 1.90 -10.19
CA GLY A 11 -11.58 0.60 -10.65
C GLY A 11 -10.07 0.41 -10.64
N TYR A 12 -9.40 1.17 -9.78
CA TYR A 12 -7.95 1.13 -9.66
C TYR A 12 -7.44 0.15 -8.62
N VAL A 13 -8.34 -0.31 -7.75
CA VAL A 13 -7.96 -1.19 -6.65
C VAL A 13 -8.41 -2.63 -6.79
N THR A 14 -7.51 -3.57 -6.57
CA THR A 14 -7.87 -4.97 -6.66
C THR A 14 -8.51 -5.41 -5.32
N PRO A 15 -9.12 -6.61 -5.28
CA PRO A 15 -9.75 -7.07 -4.03
C PRO A 15 -8.80 -7.05 -2.83
N VAL A 16 -9.39 -7.08 -1.64
CA VAL A 16 -8.60 -7.09 -0.41
C VAL A 16 -7.91 -8.44 -0.26
N LYS A 17 -6.62 -8.40 0.02
CA LYS A 17 -5.82 -9.59 0.21
C LYS A 17 -5.56 -9.82 1.70
N ASN A 18 -4.97 -10.96 2.03
CA ASN A 18 -4.65 -11.30 3.41
C ASN A 18 -3.22 -11.81 3.47
N GLN A 19 -2.37 -11.09 4.20
CA GLN A 19 -0.98 -11.47 4.34
C GLN A 19 -0.78 -12.71 5.20
N GLY A 20 -1.70 -12.96 6.13
CA GLY A 20 -1.57 -14.12 6.99
C GLY A 20 -0.50 -13.89 8.05
N GLN A 21 0.15 -14.95 8.50
CA GLN A 21 1.18 -14.82 9.54
C GLN A 21 2.57 -14.65 8.93
N CYS A 22 2.75 -13.57 8.19
CA CYS A 22 4.01 -13.24 7.54
C CYS A 22 4.03 -11.72 7.45
N GLY A 23 5.15 -11.12 7.84
CA GLY A 23 5.29 -9.69 7.75
C GLY A 23 5.53 -9.22 6.32
N SER A 24 4.59 -9.51 5.43
CA SER A 24 4.71 -9.11 4.03
C SER A 24 3.92 -7.84 3.69
N CYS A 25 3.58 -7.06 4.72
CA CYS A 25 2.82 -5.83 4.54
C CYS A 25 3.39 -4.93 3.44
N TRP A 26 4.70 -4.74 3.49
CA TRP A 26 5.41 -3.93 2.49
C TRP A 26 5.18 -4.40 1.04
N ALA A 27 5.20 -5.72 0.84
CA ALA A 27 5.01 -6.33 -0.47
C ALA A 27 3.62 -6.00 -1.00
N PHE A 28 2.58 -6.31 -0.20
CA PHE A 28 1.19 -6.02 -0.56
C PHE A 28 0.96 -4.53 -0.84
N SER A 29 1.63 -3.67 -0.07
CA SER A 29 1.52 -2.23 -0.24
C SER A 29 2.17 -1.79 -1.56
N SER A 30 3.28 -2.42 -1.92
CA SER A 30 4.00 -2.11 -3.16
C SER A 30 3.23 -2.60 -4.38
N VAL A 31 2.72 -3.82 -4.26
CA VAL A 31 1.94 -4.44 -5.33
C VAL A 31 0.71 -3.58 -5.59
N GLY A 32 0.13 -3.05 -4.52
CA GLY A 32 -1.04 -2.20 -4.63
C GLY A 32 -0.74 -0.91 -5.38
N ALA A 33 0.44 -0.36 -5.15
CA ALA A 33 0.85 0.87 -5.82
C ALA A 33 1.09 0.56 -7.30
N LEU A 34 1.77 -0.54 -7.58
CA LEU A 34 2.04 -0.95 -8.95
C LEU A 34 0.74 -1.20 -9.69
N GLU A 35 -0.20 -1.86 -9.02
CA GLU A 35 -1.51 -2.18 -9.58
C GLU A 35 -2.26 -0.97 -10.11
N GLY A 36 -2.23 0.13 -9.35
CA GLY A 36 -2.89 1.35 -9.75
C GLY A 36 -2.25 1.96 -10.98
N GLN A 37 -0.93 2.00 -11.00
CA GLN A 37 -0.21 2.55 -12.15
C GLN A 37 -0.43 1.70 -13.41
N LEU A 38 -0.48 0.37 -13.23
CA LEU A 38 -0.73 -0.55 -14.34
C LEU A 38 -2.10 -0.25 -14.94
N LYS A 39 -3.08 -0.02 -14.06
CA LYS A 39 -4.43 0.32 -14.47
C LYS A 39 -4.46 1.63 -15.26
N LYS A 40 -3.81 2.66 -14.71
CA LYS A 40 -3.77 3.97 -15.34
C LYS A 40 -3.14 3.97 -16.73
N LYS A 41 -1.97 3.36 -16.86
CA LYS A 41 -1.25 3.30 -18.13
C LYS A 41 -1.77 2.34 -19.23
N THR A 42 -2.26 1.15 -18.82
CA THR A 42 -2.76 0.16 -19.78
C THR A 42 -4.27 -0.02 -19.75
N GLY A 43 -4.89 0.37 -18.63
CA GLY A 43 -6.32 0.22 -18.51
C GLY A 43 -6.69 -1.14 -17.98
N LYS A 44 -5.69 -2.01 -17.81
CA LYS A 44 -5.91 -3.35 -17.27
C LYS A 44 -5.75 -3.34 -15.75
N LEU A 45 -6.53 -4.16 -15.07
CA LEU A 45 -6.46 -4.27 -13.62
C LEU A 45 -6.34 -5.73 -13.23
N LEU A 46 -5.14 -6.13 -12.83
CA LEU A 46 -4.90 -7.49 -12.38
C LEU A 46 -4.07 -7.54 -11.09
N ASN A 47 -4.11 -8.68 -10.40
CA ASN A 47 -3.36 -8.85 -9.16
C ASN A 47 -1.91 -9.16 -9.44
N LEU A 48 -1.03 -8.39 -8.81
CA LEU A 48 0.40 -8.58 -8.97
C LEU A 48 0.94 -9.53 -7.91
N SER A 49 2.21 -9.88 -8.01
CA SER A 49 2.82 -10.83 -7.10
C SER A 49 3.59 -10.32 -5.89
N PRO A 50 2.95 -10.34 -4.69
CA PRO A 50 3.66 -9.89 -3.49
C PRO A 50 4.71 -10.96 -3.11
N GLN A 51 4.44 -12.22 -3.46
CA GLN A 51 5.36 -13.34 -3.19
C GLN A 51 6.66 -13.18 -4.00
N ASN A 52 6.54 -12.63 -5.21
CA ASN A 52 7.69 -12.38 -6.06
C ASN A 52 8.65 -11.49 -5.27
N LEU A 53 8.08 -10.46 -4.64
CA LEU A 53 8.84 -9.52 -3.82
C LEU A 53 9.38 -10.16 -2.54
N VAL A 54 8.52 -10.87 -1.81
CA VAL A 54 8.93 -11.51 -0.56
C VAL A 54 10.18 -12.38 -0.74
N ASP A 55 10.17 -13.19 -1.80
CA ASP A 55 11.28 -14.12 -2.10
C ASP A 55 12.49 -13.54 -2.84
N CYS A 56 12.28 -12.46 -3.59
CA CYS A 56 13.35 -11.90 -4.42
C CYS A 56 14.11 -10.63 -4.06
N VAL A 57 13.51 -9.76 -3.24
CA VAL A 57 14.18 -8.51 -2.86
C VAL A 57 15.17 -8.79 -1.74
N SER A 58 16.46 -8.81 -2.08
CA SER A 58 17.50 -9.10 -1.11
C SER A 58 17.72 -8.02 -0.07
N GLU A 59 17.25 -6.80 -0.33
CA GLU A 59 17.40 -5.69 0.60
C GLU A 59 16.35 -5.72 1.71
N ASN A 60 15.22 -6.39 1.45
CA ASN A 60 14.18 -6.50 2.45
C ASN A 60 14.35 -7.84 3.14
N ASP A 61 13.61 -8.06 4.22
CA ASP A 61 13.76 -9.30 4.97
C ASP A 61 12.61 -10.32 4.77
N GLY A 62 11.90 -10.22 3.65
CA GLY A 62 10.80 -11.14 3.41
C GLY A 62 9.69 -10.98 4.45
N CYS A 63 9.44 -12.06 5.19
CA CYS A 63 8.43 -12.05 6.24
C CYS A 63 8.89 -11.32 7.50
N GLY A 64 10.14 -10.85 7.48
CA GLY A 64 10.67 -10.11 8.61
C GLY A 64 10.67 -8.59 8.40
N GLY A 65 9.86 -8.12 7.44
CA GLY A 65 9.79 -6.69 7.18
C GLY A 65 10.50 -6.23 5.93
N GLY A 66 10.25 -4.97 5.56
CA GLY A 66 10.88 -4.39 4.39
C GLY A 66 10.33 -3.02 4.06
N TYR A 67 10.83 -2.44 2.99
CA TYR A 67 10.40 -1.12 2.53
C TYR A 67 9.86 -1.17 1.12
N MET A 68 8.88 -0.33 0.84
CA MET A 68 8.26 -0.26 -0.48
C MET A 68 9.30 0.17 -1.53
N THR A 69 10.07 1.22 -1.21
CA THR A 69 11.10 1.74 -2.11
C THR A 69 12.06 0.65 -2.62
N ASN A 70 12.49 -0.25 -1.72
CA ASN A 70 13.39 -1.35 -2.10
C ASN A 70 12.67 -2.26 -3.10
N ALA A 71 11.41 -2.55 -2.79
CA ALA A 71 10.57 -3.39 -3.63
C ALA A 71 10.36 -2.77 -5.02
N PHE A 72 10.22 -1.44 -5.07
CA PHE A 72 10.07 -0.71 -6.33
C PHE A 72 11.34 -0.73 -7.15
N GLN A 73 12.45 -0.43 -6.50
CA GLN A 73 13.75 -0.42 -7.16
C GLN A 73 14.06 -1.80 -7.69
N TYR A 74 13.68 -2.82 -6.93
CA TYR A 74 13.90 -4.21 -7.33
C TYR A 74 13.18 -4.47 -8.65
N VAL A 75 11.95 -3.98 -8.74
CA VAL A 75 11.13 -4.16 -9.94
C VAL A 75 11.67 -3.41 -11.15
N GLN A 76 12.34 -2.30 -10.89
CA GLN A 76 12.96 -1.53 -11.95
C GLN A 76 14.15 -2.34 -12.49
N LYS A 77 15.06 -2.73 -11.61
CA LYS A 77 16.25 -3.49 -11.99
C LYS A 77 15.93 -4.85 -12.58
N ASN A 78 14.94 -5.52 -12.01
CA ASN A 78 14.53 -6.83 -12.47
C ASN A 78 13.80 -6.69 -13.79
N ARG A 79 13.39 -5.46 -14.09
CA ARG A 79 12.64 -5.11 -15.30
C ARG A 79 11.24 -5.72 -15.33
N GLY A 80 10.72 -6.12 -14.18
CA GLY A 80 9.40 -6.68 -14.15
C GLY A 80 9.05 -7.37 -12.86
N ILE A 81 7.79 -7.79 -12.78
CA ILE A 81 7.24 -8.50 -11.63
C ILE A 81 6.14 -9.39 -12.16
N ASP A 82 6.09 -10.61 -11.66
CA ASP A 82 5.08 -11.55 -12.09
C ASP A 82 3.68 -11.23 -11.62
N SER A 83 2.72 -11.82 -12.31
CA SER A 83 1.31 -11.67 -11.99
C SER A 83 1.04 -12.61 -10.82
N GLU A 84 0.02 -12.32 -10.03
CA GLU A 84 -0.33 -13.19 -8.92
C GLU A 84 -0.37 -14.65 -9.39
N ASP A 85 -1.00 -14.87 -10.55
CA ASP A 85 -1.12 -16.23 -11.08
C ASP A 85 0.18 -16.98 -11.27
N ALA A 86 1.16 -16.31 -11.88
CA ALA A 86 2.47 -16.91 -12.14
C ALA A 86 3.40 -17.03 -10.92
N TYR A 87 2.95 -16.52 -9.77
CA TYR A 87 3.75 -16.55 -8.54
C TYR A 87 2.78 -16.32 -7.36
N PRO A 88 1.88 -17.31 -7.13
CA PRO A 88 0.88 -17.22 -6.04
C PRO A 88 1.43 -16.99 -4.65
N TYR A 89 0.58 -16.45 -3.79
CA TYR A 89 0.95 -16.14 -2.41
C TYR A 89 0.93 -17.39 -1.53
N VAL A 90 1.99 -17.62 -0.77
CA VAL A 90 2.05 -18.76 0.14
C VAL A 90 2.27 -18.33 1.59
N GLY A 91 2.71 -17.10 1.79
CA GLY A 91 2.91 -16.61 3.15
C GLY A 91 4.15 -17.14 3.87
N GLN A 92 5.18 -17.46 3.10
CA GLN A 92 6.43 -17.94 3.67
C GLN A 92 7.56 -17.65 2.68
N GLU A 93 8.72 -17.30 3.23
CA GLU A 93 9.91 -16.99 2.46
C GLU A 93 10.42 -18.26 1.77
N GLU A 94 10.84 -18.13 0.52
CA GLU A 94 11.37 -19.25 -0.27
C GLU A 94 12.34 -18.68 -1.32
N SER A 95 13.01 -19.55 -2.06
CA SER A 95 13.95 -19.10 -3.08
C SER A 95 13.30 -18.31 -4.22
N CYS A 96 13.97 -17.24 -4.64
CA CYS A 96 13.47 -16.43 -5.73
C CYS A 96 13.19 -17.35 -6.93
N MET A 97 11.92 -17.37 -7.34
CA MET A 97 11.46 -18.20 -8.45
C MET A 97 10.73 -17.35 -9.50
N TYR A 98 11.28 -16.17 -9.76
CA TYR A 98 10.71 -15.26 -10.75
C TYR A 98 10.68 -15.88 -12.14
N ASN A 99 9.49 -15.92 -12.73
CA ASN A 99 9.32 -16.46 -14.06
C ASN A 99 9.08 -15.31 -15.02
N PRO A 100 10.01 -15.08 -15.95
CA PRO A 100 9.91 -14.00 -16.94
C PRO A 100 8.68 -14.10 -17.84
N THR A 101 8.24 -15.33 -18.11
CA THR A 101 7.05 -15.59 -18.94
C THR A 101 5.78 -15.03 -18.29
N GLY A 102 5.78 -14.90 -16.96
CA GLY A 102 4.60 -14.39 -16.27
C GLY A 102 4.55 -12.90 -15.98
N LYS A 103 5.58 -12.18 -16.41
CA LYS A 103 5.68 -10.74 -16.18
C LYS A 103 4.44 -9.98 -16.58
N ALA A 104 3.84 -9.27 -15.63
CA ALA A 104 2.63 -8.51 -15.88
C ALA A 104 2.82 -6.99 -15.87
N ALA A 105 3.97 -6.54 -15.37
CA ALA A 105 4.27 -5.10 -15.31
C ALA A 105 5.73 -4.88 -14.95
N LYS A 106 6.14 -3.62 -14.97
CA LYS A 106 7.48 -3.17 -14.60
C LYS A 106 7.33 -1.73 -14.17
N CYS A 107 8.39 -1.14 -13.63
CA CYS A 107 8.35 0.25 -13.21
C CYS A 107 9.71 0.86 -13.47
N ARG A 108 9.74 2.16 -13.66
CA ARG A 108 10.99 2.86 -13.91
C ARG A 108 11.43 3.76 -12.77
N GLY A 109 11.47 3.21 -11.57
CA GLY A 109 11.89 3.99 -10.43
C GLY A 109 10.73 4.40 -9.57
N TYR A 110 11.00 5.23 -8.58
CA TYR A 110 9.98 5.71 -7.64
C TYR A 110 10.22 7.15 -7.18
N ARG A 111 9.23 7.69 -6.49
CA ARG A 111 9.29 9.04 -5.96
C ARG A 111 8.76 8.94 -4.53
N GLU A 112 9.39 9.69 -3.63
CA GLU A 112 9.00 9.73 -2.23
C GLU A 112 8.24 11.04 -1.96
N ILE A 113 7.31 11.03 -1.03
CA ILE A 113 6.58 12.25 -0.70
C ILE A 113 7.33 12.93 0.43
N PRO A 114 7.38 14.28 0.44
CA PRO A 114 8.08 14.97 1.52
C PRO A 114 7.58 14.42 2.86
N GLU A 115 8.51 13.96 3.68
CA GLU A 115 8.18 13.39 4.97
C GLU A 115 7.39 14.36 5.85
N GLY A 116 6.32 13.86 6.43
CA GLY A 116 5.49 14.68 7.29
C GLY A 116 4.46 15.57 6.60
N ASN A 117 4.57 15.70 5.28
CA ASN A 117 3.66 16.55 4.50
C ASN A 117 2.39 15.86 3.98
N GLU A 118 1.27 16.07 4.67
CA GLU A 118 -0.02 15.49 4.27
C GLU A 118 -0.57 16.20 3.02
N LYS A 119 -0.32 17.50 2.93
CA LYS A 119 -0.76 18.27 1.77
C LYS A 119 -0.11 17.68 0.53
N ALA A 120 1.18 17.34 0.67
CA ALA A 120 1.92 16.75 -0.43
C ALA A 120 1.34 15.40 -0.78
N LEU A 121 0.95 14.66 0.26
CA LEU A 121 0.37 13.33 0.09
C LEU A 121 -0.99 13.34 -0.63
N LYS A 122 -1.82 14.34 -0.34
CA LYS A 122 -3.14 14.48 -0.96
C LYS A 122 -3.02 14.79 -2.43
N ARG A 123 -2.17 15.75 -2.75
CA ARG A 123 -1.96 16.13 -4.13
C ARG A 123 -1.50 14.92 -4.96
N ALA A 124 -0.66 14.07 -4.37
CA ALA A 124 -0.16 12.87 -5.05
C ALA A 124 -1.28 11.86 -5.31
N VAL A 125 -2.13 11.63 -4.32
CA VAL A 125 -3.24 10.70 -4.49
C VAL A 125 -4.15 11.20 -5.60
N ALA A 126 -4.46 12.49 -5.58
CA ALA A 126 -5.31 13.10 -6.59
C ALA A 126 -4.78 12.91 -8.02
N ARG A 127 -3.52 13.26 -8.26
CA ARG A 127 -2.98 13.14 -9.62
C ARG A 127 -2.14 11.93 -10.00
N VAL A 128 -1.86 11.03 -9.07
CA VAL A 128 -1.05 9.88 -9.40
C VAL A 128 -1.84 8.57 -9.27
N GLY A 129 -2.52 8.41 -8.15
CA GLY A 129 -3.28 7.21 -7.90
C GLY A 129 -2.91 6.74 -6.52
N PRO A 130 -3.27 5.52 -6.12
CA PRO A 130 -2.96 4.95 -4.81
C PRO A 130 -1.48 5.12 -4.42
N VAL A 131 -1.23 5.42 -3.16
CA VAL A 131 0.13 5.63 -2.65
C VAL A 131 0.46 4.75 -1.42
N SER A 132 1.61 4.08 -1.47
CA SER A 132 2.10 3.21 -0.39
C SER A 132 2.56 4.05 0.82
N VAL A 133 1.96 3.80 1.99
CA VAL A 133 2.32 4.54 3.18
C VAL A 133 2.62 3.61 4.36
N ALA A 134 3.40 4.10 5.31
CA ALA A 134 3.75 3.34 6.50
C ALA A 134 3.09 4.04 7.69
N ILE A 135 2.48 3.26 8.58
CA ILE A 135 1.78 3.81 9.73
C ILE A 135 2.07 3.02 11.00
N ASP A 136 1.52 3.52 12.11
CA ASP A 136 1.63 2.87 13.41
C ASP A 136 0.27 2.17 13.54
N ALA A 137 0.29 0.85 13.51
CA ALA A 137 -0.91 0.03 13.61
C ALA A 137 -0.76 -0.96 14.75
N SER A 138 -0.17 -0.51 15.85
CA SER A 138 0.06 -1.35 17.02
C SER A 138 -1.04 -1.29 18.08
N LEU A 139 -1.91 -0.29 17.95
CA LEU A 139 -2.97 -0.06 18.90
C LEU A 139 -4.19 -0.96 18.80
N THR A 140 -4.69 -1.36 19.96
CA THR A 140 -5.85 -2.24 20.07
C THR A 140 -7.05 -1.60 19.35
N SER A 141 -7.13 -0.27 19.36
CA SER A 141 -8.20 0.45 18.70
C SER A 141 -8.17 0.14 17.21
N PHE A 142 -6.97 0.18 16.64
CA PHE A 142 -6.75 -0.09 15.23
C PHE A 142 -7.14 -1.51 14.86
N GLN A 143 -6.58 -2.47 15.60
CA GLN A 143 -6.86 -3.88 15.36
C GLN A 143 -8.37 -4.12 15.37
N PHE A 144 -9.07 -3.44 16.26
CA PHE A 144 -10.51 -3.62 16.39
C PHE A 144 -11.39 -2.58 15.68
N TYR A 145 -10.78 -1.79 14.78
CA TYR A 145 -11.53 -0.77 14.03
C TYR A 145 -12.71 -1.38 13.27
N SER A 146 -13.79 -0.62 13.15
CA SER A 146 -14.98 -1.10 12.47
C SER A 146 -15.80 -0.04 11.74
N LYS A 147 -15.92 1.13 12.35
CA LYS A 147 -16.71 2.24 11.80
C LYS A 147 -16.08 3.64 11.96
N GLY A 148 -16.48 4.55 11.09
CA GLY A 148 -16.02 5.92 11.17
C GLY A 148 -14.58 6.25 10.88
N VAL A 149 -14.21 7.52 11.06
CA VAL A 149 -12.86 7.99 10.82
C VAL A 149 -11.99 7.70 12.04
N TYR A 150 -11.10 6.73 11.87
CA TYR A 150 -10.17 6.30 12.92
C TYR A 150 -9.20 7.37 13.38
N TYR A 151 -8.96 7.38 14.68
CA TYR A 151 -8.04 8.29 15.35
C TYR A 151 -7.83 7.83 16.77
N ASP A 152 -6.62 8.01 17.27
CA ASP A 152 -6.27 7.64 18.64
C ASP A 152 -5.05 8.43 19.06
N GLU A 153 -5.19 9.23 20.11
CA GLU A 153 -4.09 10.06 20.58
C GLU A 153 -2.83 9.29 21.02
N SER A 154 -2.98 7.99 21.27
CA SER A 154 -1.85 7.16 21.70
C SER A 154 -1.00 6.63 20.54
N CYS A 155 -1.44 6.90 19.33
CA CYS A 155 -0.77 6.45 18.11
C CYS A 155 0.53 7.18 17.83
N ASN A 156 1.64 6.46 17.88
CA ASN A 156 2.96 7.05 17.64
C ASN A 156 3.43 7.14 16.17
N SER A 157 3.66 8.37 15.72
CA SER A 157 4.11 8.62 14.37
C SER A 157 5.55 8.22 14.10
N ASP A 158 6.26 7.79 15.14
CA ASP A 158 7.66 7.37 15.02
C ASP A 158 7.81 5.86 15.22
N ASN A 159 6.66 5.17 15.23
CA ASN A 159 6.65 3.73 15.38
C ASN A 159 5.92 3.24 14.14
N LEU A 160 6.56 3.38 12.98
CA LEU A 160 5.99 2.94 11.71
C LEU A 160 6.21 1.43 11.61
N ASN A 161 5.16 0.67 11.92
CA ASN A 161 5.25 -0.80 11.96
C ASN A 161 4.43 -1.61 10.94
N HIS A 162 3.55 -0.93 10.20
CA HIS A 162 2.70 -1.62 9.23
C HIS A 162 2.54 -0.79 7.94
N ALA A 163 2.99 -1.34 6.82
CA ALA A 163 2.86 -0.66 5.52
C ALA A 163 1.46 -0.95 4.99
N VAL A 164 0.77 0.08 4.55
CA VAL A 164 -0.60 -0.04 4.09
C VAL A 164 -0.74 0.73 2.74
N LEU A 165 -1.92 0.79 2.14
CA LEU A 165 -2.09 1.52 0.88
C LEU A 165 -3.17 2.60 0.95
N ALA A 166 -2.84 3.82 0.53
CA ALA A 166 -3.79 4.93 0.53
C ALA A 166 -4.53 5.05 -0.81
N VAL A 167 -5.75 4.53 -0.84
CA VAL A 167 -6.55 4.53 -2.07
C VAL A 167 -7.50 5.73 -2.26
N GLY A 168 -7.33 6.76 -1.45
CA GLY A 168 -8.18 7.93 -1.59
C GLY A 168 -8.18 8.82 -0.37
N TYR A 169 -9.17 9.71 -0.33
CA TYR A 169 -9.34 10.67 0.73
C TYR A 169 -10.70 11.32 0.57
N GLY A 170 -11.23 11.80 1.68
CA GLY A 170 -12.53 12.44 1.65
C GLY A 170 -12.80 13.06 2.99
N ILE A 171 -14.08 13.23 3.28
CA ILE A 171 -14.51 13.82 4.53
C ILE A 171 -15.81 13.14 4.97
N GLN A 172 -15.86 12.71 6.22
CA GLN A 172 -17.05 12.06 6.75
C GLN A 172 -17.55 12.87 7.95
N LYS A 173 -18.71 13.49 7.79
CA LYS A 173 -19.31 14.34 8.80
C LYS A 173 -18.28 15.31 9.32
N GLY A 174 -17.82 16.21 8.46
CA GLY A 174 -16.84 17.19 8.88
C GLY A 174 -15.55 16.62 9.44
N ASN A 175 -15.23 15.39 9.06
CA ASN A 175 -14.01 14.71 9.51
C ASN A 175 -13.21 14.22 8.31
N LYS A 176 -12.18 14.98 7.94
CA LYS A 176 -11.31 14.62 6.80
C LYS A 176 -10.60 13.31 7.11
N HIS A 177 -10.25 12.56 6.08
CA HIS A 177 -9.61 11.26 6.26
C HIS A 177 -8.93 10.78 5.00
N TRP A 178 -8.26 9.64 5.12
CA TRP A 178 -7.57 8.93 4.04
C TRP A 178 -8.29 7.58 3.91
N ILE A 179 -8.54 7.12 2.70
CA ILE A 179 -9.19 5.84 2.52
C ILE A 179 -8.02 4.85 2.45
N ILE A 180 -7.90 4.02 3.49
CA ILE A 180 -6.82 3.06 3.61
C ILE A 180 -7.21 1.61 3.35
N LYS A 181 -6.47 0.95 2.48
CA LYS A 181 -6.69 -0.45 2.13
C LYS A 181 -5.71 -1.30 2.95
N ASN A 182 -6.23 -2.27 3.70
CA ASN A 182 -5.39 -3.13 4.52
C ASN A 182 -5.26 -4.54 3.91
N SER A 183 -4.27 -5.29 4.39
CA SER A 183 -4.03 -6.65 3.93
C SER A 183 -4.21 -7.68 5.06
N TRP A 184 -5.26 -7.47 5.86
CA TRP A 184 -5.60 -8.38 6.96
C TRP A 184 -6.90 -9.12 6.65
N GLY A 185 -7.21 -9.22 5.36
CA GLY A 185 -8.41 -9.91 4.94
C GLY A 185 -9.60 -8.99 4.84
N GLU A 186 -10.59 -9.47 4.07
CA GLU A 186 -11.85 -8.77 3.84
C GLU A 186 -12.71 -8.69 5.09
N ASN A 187 -12.44 -9.57 6.06
CA ASN A 187 -13.21 -9.56 7.30
C ASN A 187 -12.63 -8.70 8.42
N TRP A 188 -11.74 -7.79 8.05
CA TRP A 188 -11.16 -6.90 9.02
C TRP A 188 -11.66 -5.49 8.73
N GLY A 189 -11.76 -4.68 9.78
CA GLY A 189 -12.20 -3.31 9.64
C GLY A 189 -13.46 -3.23 8.80
N ASN A 190 -13.52 -2.26 7.90
CA ASN A 190 -14.68 -2.11 7.04
C ASN A 190 -14.41 -2.69 5.66
N LYS A 191 -14.56 -4.01 5.55
CA LYS A 191 -14.34 -4.76 4.30
C LYS A 191 -12.85 -4.79 3.93
N GLY A 192 -12.02 -4.69 4.96
CA GLY A 192 -10.58 -4.71 4.78
C GLY A 192 -10.06 -3.29 4.62
N TYR A 193 -10.92 -2.32 4.93
CA TYR A 193 -10.59 -0.92 4.83
C TYR A 193 -10.68 -0.20 6.15
N ILE A 194 -10.16 1.02 6.16
CA ILE A 194 -10.20 1.87 7.33
C ILE A 194 -10.07 3.34 6.88
N LEU A 195 -10.86 4.22 7.48
CA LEU A 195 -10.80 5.64 7.17
C LEU A 195 -9.95 6.19 8.29
N MET A 196 -8.81 6.79 7.98
CA MET A 196 -7.94 7.32 9.02
C MET A 196 -7.90 8.83 8.95
N ALA A 197 -7.84 9.47 10.12
CA ALA A 197 -7.81 10.94 10.23
C ALA A 197 -6.77 11.63 9.35
N ARG A 198 -7.23 12.65 8.62
CA ARG A 198 -6.38 13.41 7.71
C ARG A 198 -6.34 14.85 8.17
N ASN A 199 -5.15 15.44 8.12
CA ASN A 199 -4.92 16.82 8.53
C ASN A 199 -5.08 16.96 10.04
N LYS A 200 -4.59 15.97 10.78
CA LYS A 200 -4.66 15.98 12.22
C LYS A 200 -3.27 15.66 12.75
N ASN A 201 -2.34 16.58 12.51
CA ASN A 201 -0.94 16.46 12.90
C ASN A 201 -0.26 15.12 12.59
N ASN A 202 -0.42 14.68 11.34
CA ASN A 202 0.18 13.44 10.82
C ASN A 202 -0.17 12.19 11.63
N ALA A 203 -1.45 11.86 11.68
CA ALA A 203 -2.00 10.75 12.46
C ALA A 203 -1.25 9.45 12.11
N CYS A 204 -0.61 8.89 13.14
CA CYS A 204 0.12 7.63 13.08
C CYS A 204 1.29 7.60 12.10
N GLY A 205 1.80 8.76 11.71
CA GLY A 205 2.91 8.81 10.78
C GLY A 205 2.48 8.52 9.35
N ILE A 206 1.25 8.90 9.02
CA ILE A 206 0.67 8.66 7.70
C ILE A 206 1.50 9.22 6.54
N ALA A 207 2.18 10.34 6.75
CA ALA A 207 3.00 10.97 5.71
C ALA A 207 4.51 10.91 5.95
N ASN A 208 4.92 10.04 6.85
CA ASN A 208 6.34 9.92 7.16
C ASN A 208 7.12 9.09 6.15
N LEU A 209 6.46 8.12 5.53
CA LEU A 209 7.11 7.24 4.56
C LEU A 209 6.28 6.90 3.31
N ALA A 210 5.63 7.90 2.74
CA ALA A 210 4.81 7.65 1.55
C ALA A 210 5.69 7.69 0.29
N SER A 211 5.45 6.75 -0.63
CA SER A 211 6.19 6.69 -1.90
C SER A 211 5.34 6.03 -2.99
N PHE A 212 5.79 6.13 -4.23
CA PHE A 212 5.03 5.54 -5.32
C PHE A 212 5.93 5.22 -6.52
N PRO A 213 5.61 4.16 -7.26
CA PRO A 213 6.39 3.76 -8.42
C PRO A 213 6.09 4.69 -9.59
N LYS A 214 7.06 4.77 -10.49
CA LYS A 214 6.89 5.57 -11.69
C LYS A 214 6.95 4.54 -12.78
N MET A 215 6.15 4.71 -13.82
CA MET A 215 6.15 3.79 -14.95
C MET A 215 6.64 4.50 -16.20
C1 IN6 B . -6.24 -10.04 11.74
C2 IN6 B . -6.42 -10.55 10.45
C3 IN6 B . -5.32 -11.05 9.73
C4 IN6 B . -4.04 -11.06 10.30
C5 IN6 B . -3.88 -10.55 11.59
C6 IN6 B . -4.96 -10.05 12.31
C7 IN6 B . -2.88 -11.62 9.54
O8 IN6 B . -1.79 -10.70 9.26
C9 IN6 B . -0.89 -10.17 10.23
O10 IN6 B . -1.27 -9.83 11.37
C11 IN6 B . 1.41 -9.48 10.70
C12 IN6 B . 2.53 -10.54 10.95
C14 IN6 B . 2.52 -11.37 12.23
C15 IN6 B . 3.17 -12.75 12.00
C16 IN6 B . 1.12 -11.52 12.87
C17 IN6 B . 1.99 -8.09 10.17
S18 IN6 B . 1.22 -6.62 10.62
N19 IN6 B . 3.09 -7.82 9.38
C20 IN6 B . 3.38 -6.50 9.09
N24 IN6 B . 0.38 -10.05 9.82
C42 IN6 B . 2.44 -5.75 9.72
C21 IN6 B . 4.55 -6.02 8.08
O22 IN6 B . 4.41 -6.98 7.40
C1' IN6 B . 13.43 -4.98 11.40
C2' IN6 B . 12.74 -5.67 10.43
C3' IN6 B . 12.59 -5.11 9.16
C4' IN6 B . 13.12 -3.85 8.87
C5' IN6 B . 13.83 -3.17 9.85
C6' IN6 B . 13.98 -3.72 11.12
C7' IN6 B . 12.89 -3.23 7.51
O8' IN6 B . 11.80 -2.24 7.63
C9' IN6 B . 10.64 -2.39 8.44
OA' IN6 B . 10.69 -2.32 9.66
CB' IN6 B . 8.22 -2.80 8.46
CC' IN6 B . 7.31 -1.58 8.23
CE' IN6 B . 7.10 -0.95 6.84
CF' IN6 B . 8.23 -0.04 6.43
CG' IN6 B . 6.82 -1.99 5.78
CH' IN6 B . 7.53 -4.12 8.06
OI' IN6 B . 7.78 -4.63 6.97
NJ' IN6 B . 6.68 -4.74 8.95
NK' IN6 B . 6.01 -6.06 8.61
NO' IN6 B . 9.50 -2.62 7.78
#